data_2Q1S
#
_entry.id   2Q1S
#
_cell.length_a   83.186
_cell.length_b   77.875
_cell.length_c   59.411
_cell.angle_alpha   90.00
_cell.angle_beta   108.19
_cell.angle_gamma   90.00
#
_symmetry.space_group_name_H-M   'C 1 2 1'
#
loop_
_entity.id
_entity.type
_entity.pdbx_description
1 polymer 'Putative nucleotide sugar epimerase/ dehydratase'
2 non-polymer '1,4-DIHYDRONICOTINAMIDE ADENINE DINUCLEOTIDE'
3 water water
#
_entity_poly.entity_id   1
_entity_poly.type   'polypeptide(L)'
_entity_poly.pdbx_seq_one_letter_code
;MGSSHHHHHHSSGLVPRGSHMPVIMNASKLANTNVMVVGGAGFVGSNLVKRLLELGVNQVHVVDNLLSAEKINVPDHPAV
RFSETSITDDALLASLQDEYDYVFHLATYHGNQSSIHDPLADHENNTLTTLKLYERLKHFKRLKKVVYSAAGCSIAEKTF
DDAKATEETDIVSLHNNDSPYSMSKIFGEFYSVYYHKQHQLPTVRARFQNVYGPGEILGAGRWRGTPATVWRNVTPTFIY
KALKGMPLPLENGGVATRDFIFVEDVANGLIACAADGTPGGVYNIASGKETSIADLATKINEITGNNTELDRLPKRPWDN
SGKRFGSPEKARRELGFSADVSIDDGLRKTIEWTKANLAVIEQIMRKHDSALATYGK
;
_entity_poly.pdbx_strand_id   A
#
# COMPACT_ATOMS: atom_id res chain seq x y z
N ASN A 26 2.37 13.60 -12.30
CA ASN A 26 3.76 13.25 -11.95
C ASN A 26 4.49 14.51 -11.52
N ALA A 27 5.83 14.45 -11.56
CA ALA A 27 6.63 15.63 -11.90
C ALA A 27 8.07 15.64 -11.43
N SER A 28 8.86 16.38 -12.21
CA SER A 28 10.07 16.98 -11.72
C SER A 28 9.73 18.11 -10.74
N LYS A 29 8.44 18.35 -10.42
CA LYS A 29 8.10 19.25 -9.29
C LYS A 29 8.79 18.72 -8.03
N LEU A 30 9.05 17.42 -8.00
CA LEU A 30 9.70 16.80 -6.86
C LEU A 30 11.23 16.80 -6.87
N ALA A 31 11.83 17.15 -8.02
CA ALA A 31 13.28 17.23 -8.10
C ALA A 31 13.80 18.19 -7.03
N ASN A 32 14.83 17.76 -6.30
CA ASN A 32 15.51 18.61 -5.34
C ASN A 32 14.66 18.99 -4.12
N THR A 33 13.56 18.25 -3.90
CA THR A 33 12.76 18.57 -2.73
C THR A 33 13.09 17.69 -1.51
N ASN A 34 12.60 18.09 -0.33
CA ASN A 34 12.72 17.28 0.89
C ASN A 34 11.38 16.57 1.12
N VAL A 35 11.45 15.26 1.31
CA VAL A 35 10.20 14.48 1.42
C VAL A 35 10.22 13.59 2.63
N MET A 36 9.08 13.47 3.31
CA MET A 36 8.95 12.45 4.36
C MET A 36 8.03 11.33 3.84
N VAL A 37 8.42 10.09 4.07
CA VAL A 37 7.56 8.95 3.77
C VAL A 37 7.33 8.18 5.06
N VAL A 38 6.14 8.40 5.66
CA VAL A 38 5.73 7.67 6.87
C VAL A 38 5.27 6.29 6.36
N GLY A 39 5.78 5.22 6.93
CA GLY A 39 5.52 3.90 6.39
C GLY A 39 6.40 3.59 5.19
N GLY A 40 7.48 4.34 5.03
CA GLY A 40 8.33 4.20 3.84
C GLY A 40 9.22 2.97 3.70
N ALA A 41 9.29 2.14 4.75
CA ALA A 41 9.96 0.85 4.65
C ALA A 41 9.07 -0.28 4.10
N GLY A 42 7.77 0.01 3.93
CA GLY A 42 6.79 -1.01 3.56
C GLY A 42 6.78 -1.30 2.08
N PHE A 43 5.76 -2.03 1.63
CA PHE A 43 5.65 -2.44 0.23
C PHE A 43 5.50 -1.24 -0.71
N VAL A 44 4.40 -0.50 -0.60
CA VAL A 44 4.20 0.67 -1.48
C VAL A 44 5.27 1.71 -1.13
N GLY A 45 5.56 1.87 0.15
CA GLY A 45 6.51 2.90 0.59
C GLY A 45 7.91 2.73 0.02
N SER A 46 8.46 1.51 0.14
CA SER A 46 9.82 1.23 -0.43
C SER A 46 9.85 1.55 -1.94
N ASN A 47 8.78 1.21 -2.66
CA ASN A 47 8.72 1.50 -4.10
C ASN A 47 8.62 2.97 -4.39
N LEU A 48 7.85 3.70 -3.58
CA LEU A 48 7.79 5.15 -3.68
C LEU A 48 9.15 5.80 -3.42
N VAL A 49 9.84 5.36 -2.38
CA VAL A 49 11.18 5.89 -2.06
C VAL A 49 12.13 5.71 -3.25
N LYS A 50 12.13 4.51 -3.84
CA LYS A 50 12.98 4.20 -5.00
C LYS A 50 12.66 5.18 -6.13
N ARG A 51 11.38 5.42 -6.37
CA ARG A 51 10.98 6.28 -7.48
C ARG A 51 11.33 7.75 -7.20
N LEU A 52 11.17 8.17 -5.93
CA LEU A 52 11.55 9.54 -5.53
C LEU A 52 13.05 9.79 -5.72
N LEU A 53 13.88 8.85 -5.31
CA LEU A 53 15.32 8.94 -5.60
C LEU A 53 15.62 9.02 -7.10
N GLU A 54 14.92 8.22 -7.91
CA GLU A 54 15.08 8.30 -9.39
C GLU A 54 14.75 9.71 -9.94
N LEU A 55 13.74 10.33 -9.33
CA LEU A 55 13.32 11.67 -9.74
C LEU A 55 14.23 12.76 -9.18
N GLY A 56 15.22 12.36 -8.37
CA GLY A 56 16.23 13.31 -7.87
C GLY A 56 15.79 14.20 -6.71
N VAL A 57 14.97 13.67 -5.82
CA VAL A 57 14.72 14.41 -4.59
C VAL A 57 16.02 14.64 -3.83
N ASN A 58 16.03 15.71 -3.06
CA ASN A 58 17.16 16.05 -2.22
C ASN A 58 17.30 15.18 -0.98
N GLN A 59 16.19 14.89 -0.31
CA GLN A 59 16.24 14.10 0.92
CA GLN A 59 16.24 14.07 0.90
C GLN A 59 14.95 13.33 1.05
N VAL A 60 15.04 12.10 1.53
CA VAL A 60 13.84 11.33 1.95
C VAL A 60 14.01 10.92 3.42
N HIS A 61 13.06 11.34 4.28
CA HIS A 61 13.03 10.95 5.69
C HIS A 61 11.99 9.83 5.82
N VAL A 62 12.46 8.61 5.95
CA VAL A 62 11.59 7.44 6.16
C VAL A 62 11.36 7.30 7.66
N VAL A 63 10.06 7.27 8.03
CA VAL A 63 9.72 7.04 9.44
C VAL A 63 8.95 5.72 9.43
N ASP A 64 9.49 4.68 10.04
CA ASP A 64 8.83 3.39 9.96
C ASP A 64 9.26 2.56 11.15
N ASN A 65 8.29 1.98 11.87
CA ASN A 65 8.62 1.16 13.05
C ASN A 65 8.92 -0.32 12.71
N LEU A 66 8.82 -0.63 11.41
CA LEU A 66 9.08 -2.01 10.93
C LEU A 66 8.07 -3.04 11.41
N LEU A 67 6.87 -2.54 11.73
CA LEU A 67 5.85 -3.44 12.28
C LEU A 67 5.41 -4.46 11.24
N SER A 68 5.35 -4.05 9.97
CA SER A 68 5.02 -4.98 8.89
C SER A 68 5.97 -4.86 7.71
N ALA A 69 7.25 -4.61 8.01
CA ALA A 69 8.25 -4.28 7.01
C ALA A 69 9.58 -4.87 7.44
N GLU A 70 10.50 -4.93 6.47
CA GLU A 70 11.86 -5.42 6.70
C GLU A 70 12.80 -4.28 6.41
N LYS A 71 13.84 -4.14 7.24
CA LYS A 71 14.88 -3.12 7.12
C LYS A 71 15.57 -3.15 5.75
N ILE A 72 15.65 -4.33 5.11
CA ILE A 72 16.26 -4.42 3.77
C ILE A 72 15.52 -3.66 2.69
N ASN A 73 14.32 -3.19 3.02
CA ASN A 73 13.57 -2.34 2.12
C ASN A 73 13.81 -0.85 2.33
N VAL A 74 14.69 -0.49 3.25
CA VAL A 74 15.13 0.88 3.34
C VAL A 74 16.60 1.15 3.11
N PRO A 75 16.91 1.74 1.96
CA PRO A 75 18.26 1.82 1.44
C PRO A 75 19.15 2.63 2.36
N ASP A 76 20.44 2.31 2.35
CA ASP A 76 21.40 3.08 3.07
C ASP A 76 22.12 4.07 2.16
N HIS A 77 21.54 5.25 2.04
CA HIS A 77 21.70 6.12 0.88
C HIS A 77 22.04 7.46 1.49
N PRO A 78 22.86 8.26 0.83
CA PRO A 78 23.23 9.52 1.41
C PRO A 78 22.02 10.46 1.56
N ALA A 79 21.02 10.25 0.72
CA ALA A 79 19.78 11.08 0.70
C ALA A 79 18.65 10.56 1.59
N VAL A 80 18.80 9.34 2.13
CA VAL A 80 17.77 8.72 2.96
C VAL A 80 18.15 8.80 4.45
N ARG A 81 17.29 9.42 5.26
CA ARG A 81 17.37 9.38 6.72
C ARG A 81 16.30 8.40 7.18
N PHE A 82 16.67 7.46 8.04
CA PHE A 82 15.69 6.49 8.55
C PHE A 82 15.50 6.60 10.07
N SER A 83 14.26 6.94 10.45
CA SER A 83 13.84 6.92 11.85
C SER A 83 13.02 5.66 12.11
N GLU A 84 13.64 4.71 12.80
CA GLU A 84 13.03 3.42 13.12
C GLU A 84 12.18 3.62 14.39
N THR A 85 11.04 4.28 14.17
CA THR A 85 10.29 4.84 15.24
C THR A 85 8.86 4.97 14.74
N SER A 86 7.89 4.73 15.65
CA SER A 86 6.49 5.03 15.32
C SER A 86 6.23 6.54 15.08
N ILE A 87 5.44 6.86 14.09
CA ILE A 87 4.99 8.23 13.86
C ILE A 87 4.13 8.78 15.00
N THR A 88 3.60 7.90 15.86
CA THR A 88 2.91 8.38 17.08
C THR A 88 3.82 8.77 18.23
N ASP A 89 5.12 8.57 18.07
CA ASP A 89 6.03 8.88 19.16
C ASP A 89 6.12 10.40 19.46
N ASP A 90 5.83 10.81 20.68
CA ASP A 90 5.79 12.24 21.01
C ASP A 90 7.12 12.96 20.79
N ALA A 91 8.22 12.34 21.22
CA ALA A 91 9.54 12.94 21.01
C ALA A 91 9.83 13.12 19.53
N LEU A 92 9.57 12.07 18.74
CA LEU A 92 9.83 12.17 17.31
C LEU A 92 9.03 13.30 16.70
N LEU A 93 7.73 13.33 16.97
CA LEU A 93 6.88 14.38 16.49
C LEU A 93 7.39 15.79 16.88
N ALA A 94 7.77 15.98 18.14
CA ALA A 94 8.21 17.32 18.56
C ALA A 94 9.53 17.71 17.89
N SER A 95 10.32 16.70 17.50
CA SER A 95 11.61 16.90 16.84
C SER A 95 11.48 17.31 15.39
N LEU A 96 10.35 17.04 14.76
CA LEU A 96 10.18 17.33 13.34
C LEU A 96 10.27 18.83 13.10
N GLN A 97 10.95 19.19 12.00
CA GLN A 97 11.17 20.58 11.62
CA GLN A 97 11.13 20.59 11.64
C GLN A 97 10.37 20.86 10.35
N ASP A 98 10.06 22.14 10.10
CA ASP A 98 9.32 22.58 8.91
C ASP A 98 10.33 22.64 7.73
N GLU A 99 10.83 21.45 7.37
CA GLU A 99 11.85 21.30 6.33
C GLU A 99 11.41 20.39 5.18
N TYR A 100 10.11 20.09 5.12
CA TYR A 100 9.58 19.17 4.12
C TYR A 100 8.70 19.88 3.11
N ASP A 101 8.93 19.56 1.85
CA ASP A 101 8.08 20.00 0.77
C ASP A 101 6.86 19.10 0.60
N TYR A 102 7.08 17.80 0.80
CA TYR A 102 6.03 16.78 0.61
C TYR A 102 6.09 15.78 1.69
N VAL A 103 4.91 15.35 2.13
CA VAL A 103 4.81 14.24 3.07
C VAL A 103 3.88 13.21 2.47
N PHE A 104 4.32 11.96 2.46
CA PHE A 104 3.48 10.80 2.06
C PHE A 104 3.21 9.99 3.30
N HIS A 105 1.91 9.86 3.67
CA HIS A 105 1.55 9.10 4.85
C HIS A 105 0.97 7.74 4.45
N LEU A 106 1.85 6.74 4.45
CA LEU A 106 1.52 5.37 4.01
C LEU A 106 1.41 4.35 5.12
N ALA A 107 1.66 4.73 6.38
CA ALA A 107 1.63 3.77 7.45
C ALA A 107 0.19 3.19 7.60
N THR A 108 0.20 1.91 8.00
CA THR A 108 -1.05 1.22 8.32
C THR A 108 -0.69 0.07 9.24
N TYR A 109 -1.77 -0.56 9.73
CA TYR A 109 -1.67 -1.79 10.49
C TYR A 109 -2.11 -2.96 9.57
N HIS A 110 -1.11 -3.72 9.11
CA HIS A 110 -1.36 -4.62 7.99
C HIS A 110 -1.93 -5.94 8.51
N GLY A 111 -3.17 -6.30 8.16
CA GLY A 111 -4.16 -5.59 7.35
C GLY A 111 -5.52 -5.91 7.96
N ASN A 112 -6.50 -6.21 7.12
CA ASN A 112 -7.86 -6.55 7.60
C ASN A 112 -7.86 -7.58 8.72
N GLN A 113 -7.27 -8.74 8.44
CA GLN A 113 -7.34 -9.82 9.41
C GLN A 113 -6.63 -9.47 10.71
N SER A 114 -5.43 -8.87 10.61
CA SER A 114 -4.71 -8.52 11.82
C SER A 114 -5.55 -7.55 12.65
N SER A 115 -6.21 -6.60 11.96
CA SER A 115 -6.96 -5.55 12.68
C SER A 115 -8.14 -6.14 13.45
N ILE A 116 -8.81 -7.14 12.86
CA ILE A 116 -9.91 -7.85 13.54
C ILE A 116 -9.45 -8.58 14.81
N HIS A 117 -8.28 -9.21 14.71
CA HIS A 117 -7.65 -9.91 15.82
C HIS A 117 -7.35 -8.94 16.98
N ASP A 118 -6.87 -7.73 16.66
CA ASP A 118 -6.55 -6.77 17.71
C ASP A 118 -6.85 -5.33 17.28
N PRO A 119 -8.09 -4.88 17.48
CA PRO A 119 -8.46 -3.52 17.10
C PRO A 119 -7.66 -2.42 17.79
N LEU A 120 -7.07 -2.72 18.97
CA LEU A 120 -6.29 -1.68 19.66
C LEU A 120 -4.89 -1.51 19.04
N ALA A 121 -4.26 -2.62 18.63
CA ALA A 121 -3.04 -2.53 17.82
C ALA A 121 -3.34 -1.81 16.49
N ASP A 122 -4.50 -2.07 15.87
CA ASP A 122 -4.86 -1.37 14.68
C ASP A 122 -4.99 0.13 14.95
N HIS A 123 -5.64 0.48 16.06
CA HIS A 123 -5.94 1.88 16.26
C HIS A 123 -4.62 2.67 16.40
N GLU A 124 -3.70 2.11 17.21
CA GLU A 124 -2.42 2.81 17.47
C GLU A 124 -1.66 3.05 16.18
N ASN A 125 -1.69 2.08 15.27
CA ASN A 125 -0.87 2.13 14.05
C ASN A 125 -1.61 2.46 12.76
N ASN A 126 -2.88 2.86 12.89
CA ASN A 126 -3.73 3.07 11.72
C ASN A 126 -4.66 4.29 11.85
N THR A 127 -5.10 4.62 13.08
CA THR A 127 -5.95 5.78 13.27
C THR A 127 -5.13 6.90 13.92
N LEU A 128 -4.50 6.57 15.03
CA LEU A 128 -3.80 7.61 15.79
C LEU A 128 -2.59 8.16 15.03
N THR A 129 -2.03 7.30 14.18
CA THR A 129 -0.90 7.73 13.32
C THR A 129 -1.29 8.98 12.53
N THR A 130 -2.42 8.95 11.83
CA THR A 130 -2.85 10.07 11.01
C THR A 130 -3.11 11.32 11.83
N LEU A 131 -3.84 11.17 12.93
CA LEU A 131 -4.20 12.31 13.76
C LEU A 131 -2.93 13.00 14.32
N LYS A 132 -2.03 12.24 14.91
CA LYS A 132 -0.85 12.84 15.54
C LYS A 132 0.07 13.46 14.47
N LEU A 133 0.17 12.81 13.32
CA LEU A 133 0.97 13.38 12.24
C LEU A 133 0.40 14.72 11.83
N TYR A 134 -0.89 14.75 11.50
CA TYR A 134 -1.53 15.97 11.01
C TYR A 134 -1.46 17.08 12.05
N GLU A 135 -1.62 16.72 13.33
CA GLU A 135 -1.56 17.70 14.40
C GLU A 135 -0.18 18.39 14.47
N ARG A 136 0.86 17.60 14.23
CA ARG A 136 2.22 18.15 14.15
C ARG A 136 2.46 19.01 12.90
N LEU A 137 1.94 18.56 11.76
CA LEU A 137 2.17 19.24 10.47
C LEU A 137 1.34 20.51 10.31
N LYS A 138 0.35 20.76 11.18
CA LYS A 138 -0.73 21.69 10.82
C LYS A 138 -0.31 23.13 10.65
N HIS A 139 0.80 23.52 11.28
CA HIS A 139 1.27 24.91 11.16
C HIS A 139 2.55 25.00 10.33
N PHE A 140 2.99 23.89 9.74
CA PHE A 140 4.16 23.92 8.83
C PHE A 140 3.83 24.68 7.53
N LYS A 141 4.81 25.45 7.09
CA LYS A 141 4.61 26.42 6.02
C LYS A 141 5.31 26.02 4.70
N ARG A 142 6.33 25.17 4.81
CA ARG A 142 7.07 24.73 3.62
C ARG A 142 6.28 23.63 2.88
N LEU A 143 5.32 22.99 3.56
CA LEU A 143 4.55 21.90 2.94
C LEU A 143 3.75 22.29 1.74
N LYS A 144 3.98 21.65 0.60
CA LYS A 144 3.15 21.82 -0.57
C LYS A 144 1.99 20.83 -0.59
N LYS A 145 2.24 19.58 -0.22
CA LYS A 145 1.21 18.53 -0.27
C LYS A 145 1.51 17.46 0.71
N VAL A 146 0.42 16.95 1.30
CA VAL A 146 0.44 15.79 2.18
C VAL A 146 -0.46 14.73 1.54
N VAL A 147 0.12 13.62 1.12
CA VAL A 147 -0.64 12.60 0.42
C VAL A 147 -0.85 11.43 1.37
N TYR A 148 -2.13 11.07 1.53
CA TYR A 148 -2.59 9.99 2.40
C TYR A 148 -3.12 8.82 1.55
N SER A 149 -2.54 7.62 1.74
CA SER A 149 -3.05 6.43 1.08
C SER A 149 -4.31 5.93 1.76
N ALA A 150 -5.44 6.11 1.07
CA ALA A 150 -6.73 5.69 1.52
C ALA A 150 -7.12 4.35 0.85
N ALA A 151 -8.19 3.72 1.31
CA ALA A 151 -8.61 2.48 0.68
C ALA A 151 -9.68 2.69 -0.39
N GLY A 152 -9.59 1.90 -1.47
CA GLY A 152 -10.52 1.97 -2.60
C GLY A 152 -11.69 1.05 -2.36
N GLU A 167 -17.37 8.10 -10.36
CA GLU A 167 -16.32 9.01 -9.87
C GLU A 167 -16.31 9.17 -8.34
N GLU A 168 -15.18 9.64 -7.82
CA GLU A 168 -14.90 9.81 -6.38
C GLU A 168 -16.01 10.56 -5.64
N THR A 169 -16.54 9.95 -4.57
CA THR A 169 -17.51 10.64 -3.72
C THR A 169 -16.98 10.68 -2.30
N ASP A 170 -17.52 11.59 -1.51
CA ASP A 170 -17.11 11.72 -0.11
C ASP A 170 -18.24 11.43 0.84
N ILE A 171 -19.08 10.50 0.41
CA ILE A 171 -20.15 9.94 1.23
C ILE A 171 -19.75 8.51 1.63
N VAL A 172 -19.94 8.17 2.90
CA VAL A 172 -19.57 6.85 3.42
CA VAL A 172 -19.59 6.83 3.38
C VAL A 172 -20.72 6.27 4.25
N SER A 173 -20.85 4.94 4.26
CA SER A 173 -21.86 4.25 5.10
C SER A 173 -21.25 3.74 6.41
N LEU A 174 -22.03 3.77 7.49
CA LEU A 174 -21.58 3.20 8.77
C LEU A 174 -21.49 1.67 8.67
N HIS A 175 -22.20 1.13 7.68
CA HIS A 175 -22.26 -0.32 7.46
C HIS A 175 -21.27 -0.82 6.43
N ASN A 176 -21.04 -2.12 6.48
CA ASN A 176 -20.15 -2.79 5.52
C ASN A 176 -18.70 -2.34 5.62
N ASN A 177 -18.32 -1.91 6.82
CA ASN A 177 -16.92 -1.75 7.15
C ASN A 177 -16.55 -3.00 7.92
N ASP A 178 -15.87 -3.88 7.20
CA ASP A 178 -15.71 -5.24 7.65
C ASP A 178 -14.68 -5.41 8.78
N SER A 179 -13.85 -4.40 9.01
CA SER A 179 -12.71 -4.56 9.93
C SER A 179 -12.36 -3.23 10.54
N PRO A 180 -11.65 -3.27 11.68
CA PRO A 180 -11.09 -2.01 12.21
C PRO A 180 -10.16 -1.33 11.22
N TYR A 181 -9.38 -2.11 10.46
CA TYR A 181 -8.59 -1.55 9.37
C TYR A 181 -9.43 -0.68 8.46
N SER A 182 -10.55 -1.19 7.99
CA SER A 182 -11.36 -0.41 7.04
CA SER A 182 -11.36 -0.40 7.04
C SER A 182 -11.84 0.90 7.67
N MET A 183 -12.21 0.82 8.94
CA MET A 183 -12.65 2.04 9.65
C MET A 183 -11.49 3.02 9.80
N SER A 184 -10.34 2.52 10.22
CA SER A 184 -9.17 3.42 10.33
C SER A 184 -8.84 4.12 9.02
N LYS A 185 -8.95 3.40 7.89
CA LYS A 185 -8.64 4.05 6.61
C LYS A 185 -9.62 5.19 6.33
N ILE A 186 -10.88 4.97 6.63
CA ILE A 186 -11.93 6.00 6.43
C ILE A 186 -11.68 7.16 7.41
N PHE A 187 -11.33 6.82 8.65
CA PHE A 187 -11.13 7.87 9.64
C PHE A 187 -10.02 8.82 9.19
N GLY A 188 -8.98 8.26 8.54
CA GLY A 188 -7.89 9.09 8.04
C GLY A 188 -8.38 10.01 6.90
N GLU A 189 -9.40 9.60 6.15
CA GLU A 189 -10.05 10.53 5.20
C GLU A 189 -10.77 11.67 5.90
N PHE A 190 -11.51 11.35 6.97
CA PHE A 190 -12.15 12.39 7.79
C PHE A 190 -11.09 13.39 8.26
N TYR A 191 -9.99 12.89 8.83
CA TYR A 191 -8.95 13.77 9.33
C TYR A 191 -8.37 14.62 8.22
N SER A 192 -8.18 14.00 7.05
CA SER A 192 -7.60 14.70 5.92
C SER A 192 -8.47 15.89 5.50
N VAL A 193 -9.76 15.68 5.49
CA VAL A 193 -10.69 16.75 5.14
C VAL A 193 -10.71 17.85 6.23
N TYR A 194 -10.76 17.43 7.50
CA TYR A 194 -10.80 18.40 8.59
C TYR A 194 -9.57 19.29 8.68
N TYR A 195 -8.39 18.68 8.62
CA TYR A 195 -7.18 19.48 8.74
C TYR A 195 -6.99 20.42 7.55
N HIS A 196 -7.48 20.03 6.37
CA HIS A 196 -7.47 20.94 5.23
C HIS A 196 -8.43 22.16 5.45
N LYS A 197 -9.65 21.88 5.90
CA LYS A 197 -10.68 22.97 6.05
C LYS A 197 -10.26 23.88 7.22
N GLN A 198 -9.81 23.27 8.31
CA GLN A 198 -9.55 24.05 9.52
C GLN A 198 -8.18 24.74 9.56
N HIS A 199 -7.18 24.08 9.00
CA HIS A 199 -5.78 24.52 9.13
C HIS A 199 -5.04 24.62 7.80
N GLN A 200 -5.76 24.46 6.69
CA GLN A 200 -5.19 24.60 5.35
C GLN A 200 -4.08 23.57 5.11
N LEU A 201 -4.10 22.47 5.86
CA LEU A 201 -3.12 21.39 5.63
C LEU A 201 -3.41 20.85 4.21
N PRO A 202 -2.40 20.84 3.31
CA PRO A 202 -2.69 20.57 1.88
C PRO A 202 -2.82 19.10 1.52
N THR A 203 -3.87 18.50 2.06
CA THR A 203 -4.02 17.04 1.98
C THR A 203 -4.62 16.60 0.64
N VAL A 204 -4.14 15.43 0.16
CA VAL A 204 -4.76 14.78 -1.01
C VAL A 204 -4.90 13.31 -0.61
N ARG A 205 -6.12 12.77 -0.75
CA ARG A 205 -6.38 11.37 -0.42
C ARG A 205 -6.25 10.59 -1.71
N ALA A 206 -5.43 9.55 -1.68
CA ALA A 206 -5.22 8.68 -2.86
C ALA A 206 -5.83 7.33 -2.55
N ARG A 207 -6.94 6.97 -3.20
CA ARG A 207 -7.63 5.71 -2.95
C ARG A 207 -7.13 4.65 -3.94
N PHE A 208 -6.67 3.54 -3.41
CA PHE A 208 -6.29 2.48 -4.32
C PHE A 208 -6.62 1.12 -3.72
N GLN A 209 -6.47 0.06 -4.50
CA GLN A 209 -6.66 -1.25 -3.90
C GLN A 209 -6.02 -2.31 -4.78
N ASN A 210 -5.72 -3.45 -4.19
CA ASN A 210 -5.17 -4.57 -4.93
C ASN A 210 -3.87 -4.26 -5.65
N VAL A 211 -3.01 -3.55 -4.93
CA VAL A 211 -1.61 -3.33 -5.37
C VAL A 211 -0.83 -4.65 -5.32
N TYR A 212 0.07 -4.83 -6.29
CA TYR A 212 0.94 -6.01 -6.24
C TYR A 212 2.27 -5.61 -6.92
N GLY A 213 3.33 -6.33 -6.59
CA GLY A 213 4.59 -6.13 -7.31
C GLY A 213 5.83 -6.44 -6.48
N PRO A 214 7.00 -6.09 -7.04
CA PRO A 214 8.24 -6.31 -6.27
C PRO A 214 8.22 -5.56 -4.93
N GLY A 215 8.85 -6.16 -3.92
CA GLY A 215 9.01 -5.47 -2.64
C GLY A 215 7.99 -5.84 -1.59
N GLU A 216 6.94 -6.57 -1.96
CA GLU A 216 6.01 -7.16 -0.98
C GLU A 216 6.53 -8.50 -0.59
N ILE A 217 6.98 -8.60 0.67
CA ILE A 217 7.64 -9.80 1.19
C ILE A 217 6.69 -10.54 2.11
N LEU A 218 6.34 -11.79 1.77
CA LEU A 218 5.53 -12.61 2.68
C LEU A 218 6.23 -12.68 4.03
N GLY A 219 5.48 -12.46 5.12
CA GLY A 219 6.07 -12.59 6.46
C GLY A 219 6.80 -11.32 6.92
N ALA A 220 6.81 -10.27 6.12
CA ALA A 220 7.51 -9.05 6.52
C ALA A 220 7.04 -8.54 7.90
N GLY A 221 8.01 -8.18 8.76
CA GLY A 221 7.72 -7.55 10.05
C GLY A 221 7.40 -8.50 11.17
N ARG A 222 6.71 -8.01 12.19
CA ARG A 222 6.39 -8.79 13.39
C ARG A 222 5.13 -9.61 13.18
N TRP A 223 4.98 -10.70 13.96
CA TRP A 223 3.72 -11.44 14.01
C TRP A 223 2.57 -10.50 14.43
N ARG A 224 1.56 -10.37 13.58
CA ARG A 224 0.46 -9.49 13.93
C ARG A 224 -0.81 -10.28 14.26
N GLY A 225 -0.65 -11.54 14.68
CA GLY A 225 -1.79 -12.24 15.25
C GLY A 225 -2.32 -13.43 14.47
N THR A 226 -2.24 -13.37 13.14
CA THR A 226 -2.88 -14.36 12.28
C THR A 226 -1.97 -14.77 11.13
N PRO A 227 -2.31 -15.88 10.45
CA PRO A 227 -1.50 -16.31 9.32
C PRO A 227 -1.36 -15.32 8.17
N ALA A 228 -2.22 -14.32 8.10
CA ALA A 228 -2.11 -13.29 7.09
C ALA A 228 -0.84 -12.44 7.23
N THR A 229 -0.15 -12.53 8.37
CA THR A 229 1.16 -11.92 8.53
C THR A 229 2.12 -12.55 7.49
N VAL A 230 1.98 -13.86 7.33
CA VAL A 230 2.77 -14.57 6.30
C VAL A 230 2.11 -14.40 4.91
N TRP A 231 0.88 -14.91 4.78
CA TRP A 231 0.12 -14.92 3.54
C TRP A 231 -0.61 -13.60 3.38
N ARG A 232 0.15 -12.58 3.02
CA ARG A 232 -0.31 -11.19 3.07
C ARG A 232 -1.45 -10.86 2.11
N ASN A 233 -1.31 -11.38 0.89
CA ASN A 233 -2.24 -11.05 -0.19
C ASN A 233 -2.16 -12.16 -1.24
N VAL A 234 -3.18 -12.23 -2.09
CA VAL A 234 -3.32 -13.35 -3.02
C VAL A 234 -2.17 -13.44 -4.02
N THR A 235 -1.77 -12.30 -4.59
CA THR A 235 -0.69 -12.34 -5.59
C THR A 235 0.66 -12.90 -5.10
N PRO A 236 1.26 -12.31 -4.04
CA PRO A 236 2.52 -12.89 -3.55
C PRO A 236 2.38 -14.32 -3.01
N THR A 237 1.19 -14.65 -2.49
CA THR A 237 0.92 -16.02 -2.05
C THR A 237 0.98 -16.97 -3.23
N PHE A 238 0.25 -16.64 -4.29
CA PHE A 238 0.22 -17.47 -5.49
C PHE A 238 1.57 -17.60 -6.16
N ILE A 239 2.31 -16.48 -6.24
CA ILE A 239 3.64 -16.48 -6.87
C ILE A 239 4.59 -17.40 -6.08
N TYR A 240 4.56 -17.24 -4.77
CA TYR A 240 5.41 -18.08 -3.93
C TYR A 240 5.10 -19.57 -4.14
N LYS A 241 3.82 -19.94 -4.03
CA LYS A 241 3.41 -21.34 -4.12
C LYS A 241 3.67 -21.91 -5.52
N ALA A 242 3.45 -21.10 -6.54
CA ALA A 242 3.73 -21.49 -7.93
C ALA A 242 5.22 -21.75 -8.16
N LEU A 243 6.06 -20.86 -7.65
CA LEU A 243 7.52 -21.03 -7.67
C LEU A 243 8.01 -22.28 -6.93
N LYS A 244 7.22 -22.76 -5.97
CA LYS A 244 7.53 -23.95 -5.20
C LYS A 244 6.88 -25.19 -5.81
N GLY A 245 6.16 -24.97 -6.93
CA GLY A 245 5.53 -26.08 -7.65
C GLY A 245 4.29 -26.63 -6.96
N MET A 246 3.64 -25.79 -6.16
CA MET A 246 2.49 -26.22 -5.37
C MET A 246 1.19 -25.83 -6.05
N PRO A 247 0.13 -26.65 -5.87
CA PRO A 247 -1.18 -26.22 -6.37
C PRO A 247 -1.63 -24.91 -5.73
N LEU A 248 -2.17 -24.01 -6.55
CA LEU A 248 -2.69 -22.73 -6.06
C LEU A 248 -4.12 -22.90 -5.57
N PRO A 249 -4.36 -22.63 -4.27
CA PRO A 249 -5.72 -22.82 -3.76
C PRO A 249 -6.65 -21.70 -4.23
N LEU A 250 -7.70 -22.07 -4.96
CA LEU A 250 -8.74 -21.13 -5.34
C LEU A 250 -9.94 -21.31 -4.43
N GLU A 251 -10.44 -20.21 -3.88
CA GLU A 251 -11.67 -20.24 -3.10
C GLU A 251 -12.82 -20.03 -4.07
N ASN A 252 -13.74 -20.98 -4.09
CA ASN A 252 -14.94 -20.90 -4.94
C ASN A 252 -14.64 -20.86 -6.44
N GLY A 253 -13.59 -21.55 -6.86
CA GLY A 253 -13.23 -21.62 -8.27
C GLY A 253 -12.60 -20.35 -8.83
N GLY A 254 -12.27 -19.40 -7.94
CA GLY A 254 -11.60 -18.15 -8.33
C GLY A 254 -12.47 -17.21 -9.15
N VAL A 255 -13.76 -17.18 -8.84
CA VAL A 255 -14.73 -16.35 -9.56
C VAL A 255 -14.65 -14.87 -9.16
N ALA A 256 -14.09 -14.60 -7.97
CA ALA A 256 -13.90 -13.22 -7.51
C ALA A 256 -13.04 -12.46 -8.50
N THR A 257 -13.41 -11.20 -8.78
CA THR A 257 -12.61 -10.32 -9.64
C THR A 257 -12.06 -9.16 -8.83
N ARG A 258 -10.86 -8.73 -9.21
CA ARG A 258 -10.25 -7.56 -8.61
C ARG A 258 -9.62 -6.64 -9.64
N ASP A 259 -9.50 -5.35 -9.30
CA ASP A 259 -8.83 -4.39 -10.16
CA ASP A 259 -8.80 -4.43 -10.18
C ASP A 259 -7.38 -4.28 -9.67
N PHE A 260 -6.53 -5.21 -10.09
CA PHE A 260 -5.13 -5.19 -9.66
C PHE A 260 -4.43 -4.00 -10.29
N ILE A 261 -3.48 -3.43 -9.55
CA ILE A 261 -2.66 -2.32 -10.06
C ILE A 261 -1.21 -2.53 -9.64
N PHE A 262 -0.29 -2.33 -10.59
CA PHE A 262 1.13 -2.61 -10.33
C PHE A 262 1.72 -1.51 -9.46
N VAL A 263 2.62 -1.89 -8.56
CA VAL A 263 3.06 -0.98 -7.51
C VAL A 263 3.81 0.25 -8.06
N GLU A 264 4.56 0.10 -9.15
CA GLU A 264 5.23 1.25 -9.73
C GLU A 264 4.25 2.27 -10.28
N ASP A 265 3.10 1.81 -10.80
CA ASP A 265 2.02 2.73 -11.19
C ASP A 265 1.46 3.44 -9.94
N VAL A 266 1.29 2.72 -8.84
CA VAL A 266 0.79 3.35 -7.61
C VAL A 266 1.81 4.41 -7.16
N ALA A 267 3.11 4.09 -7.13
CA ALA A 267 4.10 5.10 -6.76
C ALA A 267 4.00 6.37 -7.65
N ASN A 268 3.88 6.19 -8.96
CA ASN A 268 3.70 7.35 -9.82
C ASN A 268 2.39 8.10 -9.57
N GLY A 269 1.32 7.36 -9.27
CA GLY A 269 0.02 7.96 -8.89
C GLY A 269 0.13 8.83 -7.64
N LEU A 270 0.84 8.31 -6.63
CA LEU A 270 1.05 9.06 -5.40
C LEU A 270 1.88 10.32 -5.68
N ILE A 271 2.91 10.19 -6.52
CA ILE A 271 3.68 11.37 -6.91
C ILE A 271 2.85 12.41 -7.68
N ALA A 272 1.97 11.94 -8.56
CA ALA A 272 1.08 12.88 -9.28
C ALA A 272 0.11 13.59 -8.33
N CYS A 273 -0.37 12.88 -7.32
CA CYS A 273 -1.19 13.50 -6.29
C CYS A 273 -0.40 14.59 -5.58
N ALA A 274 0.83 14.28 -5.18
CA ALA A 274 1.69 15.24 -4.48
C ALA A 274 1.92 16.48 -5.32
N ALA A 275 2.36 16.26 -6.55
CA ALA A 275 2.73 17.37 -7.40
C ALA A 275 1.52 18.25 -7.77
N ASP A 276 0.43 17.61 -8.16
CA ASP A 276 -0.66 18.31 -8.84
C ASP A 276 -2.06 18.13 -8.26
N GLY A 277 -2.19 17.27 -7.26
CA GLY A 277 -3.52 17.07 -6.67
C GLY A 277 -4.06 18.31 -5.95
N THR A 278 -5.38 18.49 -6.03
CA THR A 278 -6.02 19.64 -5.38
C THR A 278 -6.06 19.44 -3.85
N PRO A 279 -5.53 20.41 -3.08
CA PRO A 279 -5.63 20.33 -1.61
C PRO A 279 -7.09 20.14 -1.18
N GLY A 280 -7.28 19.21 -0.27
CA GLY A 280 -8.60 18.84 0.20
C GLY A 280 -9.25 17.76 -0.65
N GLY A 281 -8.60 17.40 -1.76
CA GLY A 281 -9.22 16.51 -2.72
C GLY A 281 -8.92 15.05 -2.57
N VAL A 282 -9.54 14.26 -3.46
CA VAL A 282 -9.40 12.79 -3.45
C VAL A 282 -9.35 12.26 -4.88
N TYR A 283 -8.47 11.27 -5.10
CA TYR A 283 -8.30 10.67 -6.42
C TYR A 283 -8.20 9.17 -6.29
N ASN A 284 -8.96 8.48 -7.12
CA ASN A 284 -8.73 7.03 -7.30
C ASN A 284 -7.45 6.81 -8.12
N ILE A 285 -6.56 5.96 -7.61
CA ILE A 285 -5.37 5.51 -8.34
C ILE A 285 -5.64 4.01 -8.65
N ALA A 286 -6.05 3.76 -9.90
CA ALA A 286 -6.67 2.49 -10.28
C ALA A 286 -6.31 2.10 -11.71
N SER A 287 -6.29 0.80 -11.96
CA SER A 287 -6.07 0.29 -13.33
C SER A 287 -7.29 0.37 -14.23
N GLY A 288 -8.49 0.28 -13.66
CA GLY A 288 -9.72 0.26 -14.46
C GLY A 288 -9.99 -1.07 -15.15
N LYS A 289 -9.20 -2.09 -14.80
CA LYS A 289 -9.31 -3.41 -15.42
C LYS A 289 -9.45 -4.51 -14.38
N GLU A 290 -10.48 -5.33 -14.55
CA GLU A 290 -10.74 -6.43 -13.61
C GLU A 290 -10.14 -7.75 -14.09
N THR A 291 -9.53 -8.47 -13.16
CA THR A 291 -8.99 -9.80 -13.42
C THR A 291 -9.56 -10.74 -12.36
N SER A 292 -10.05 -11.88 -12.79
CA SER A 292 -10.52 -12.85 -11.85
C SER A 292 -9.38 -13.56 -11.18
N ILE A 293 -9.62 -14.11 -10.01
CA ILE A 293 -8.58 -14.84 -9.29
C ILE A 293 -8.16 -16.08 -10.11
N ALA A 294 -9.11 -16.68 -10.84
CA ALA A 294 -8.78 -17.82 -11.71
C ALA A 294 -7.76 -17.44 -12.80
N ASP A 295 -7.93 -16.27 -13.42
CA ASP A 295 -7.05 -15.80 -14.48
C ASP A 295 -5.69 -15.37 -13.92
N LEU A 296 -5.73 -14.70 -12.77
CA LEU A 296 -4.49 -14.43 -12.02
C LEU A 296 -3.67 -15.72 -11.83
N ALA A 297 -4.31 -16.74 -11.26
CA ALA A 297 -3.65 -18.05 -11.03
C ALA A 297 -3.17 -18.68 -12.33
N THR A 298 -4.00 -18.62 -13.36
CA THR A 298 -3.66 -19.18 -14.67
C THR A 298 -2.36 -18.56 -15.18
N LYS A 299 -2.31 -17.21 -15.16
CA LYS A 299 -1.16 -16.42 -15.63
C LYS A 299 0.12 -16.71 -14.84
N ILE A 300 0.00 -16.70 -13.52
CA ILE A 300 1.13 -17.02 -12.65
C ILE A 300 1.66 -18.44 -12.91
N ASN A 301 0.76 -19.40 -13.05
CA ASN A 301 1.18 -20.76 -13.38
C ASN A 301 1.91 -20.81 -14.72
N GLU A 302 1.37 -20.13 -15.73
CA GLU A 302 1.96 -20.17 -17.06
C GLU A 302 3.36 -19.49 -17.09
N ILE A 303 3.51 -18.39 -16.37
CA ILE A 303 4.80 -17.68 -16.30
C ILE A 303 5.85 -18.47 -15.49
N THR A 304 5.41 -19.12 -14.42
CA THR A 304 6.32 -19.88 -13.55
C THR A 304 6.62 -21.30 -14.03
N GLY A 305 5.75 -21.86 -14.87
CA GLY A 305 5.88 -23.25 -15.32
C GLY A 305 5.28 -24.22 -14.31
N ASN A 306 4.35 -23.72 -13.48
CA ASN A 306 3.68 -24.59 -12.51
C ASN A 306 2.60 -25.42 -13.21
N ASN A 307 2.85 -26.73 -13.31
CA ASN A 307 1.99 -27.64 -14.09
CA ASN A 307 1.98 -27.62 -14.09
C ASN A 307 0.86 -28.29 -13.29
N THR A 308 0.72 -27.89 -12.03
CA THR A 308 -0.32 -28.46 -11.15
C THR A 308 -1.72 -27.97 -11.52
N GLU A 309 -2.73 -28.68 -11.04
CA GLU A 309 -4.12 -28.42 -11.42
C GLU A 309 -4.68 -27.14 -10.81
N LEU A 310 -5.70 -26.59 -11.46
CA LEU A 310 -6.45 -25.44 -10.94
C LEU A 310 -7.95 -25.76 -10.86
N ASP A 311 -8.48 -25.79 -9.64
CA ASP A 311 -9.93 -26.00 -9.45
C ASP A 311 -10.73 -24.72 -9.72
N ARG A 312 -10.83 -24.31 -10.99
CA ARG A 312 -11.52 -23.07 -11.38
C ARG A 312 -12.94 -23.32 -11.87
N LEU A 313 -13.80 -22.33 -11.66
CA LEU A 313 -15.22 -22.39 -11.98
C LEU A 313 -15.60 -21.17 -12.81
N PRO A 314 -16.69 -21.28 -13.60
CA PRO A 314 -17.13 -20.14 -14.40
C PRO A 314 -17.70 -19.01 -13.51
N LYS A 315 -17.34 -17.77 -13.81
CA LYS A 315 -17.88 -16.65 -13.07
C LYS A 315 -19.36 -16.40 -13.45
N ARG A 316 -20.22 -16.24 -12.45
CA ARG A 316 -21.65 -16.00 -12.73
C ARG A 316 -22.05 -14.57 -12.33
N PRO A 317 -23.19 -14.04 -12.84
CA PRO A 317 -23.57 -12.64 -12.50
C PRO A 317 -23.67 -12.29 -11.01
N TRP A 318 -24.02 -13.26 -10.17
CA TRP A 318 -24.11 -13.04 -8.72
C TRP A 318 -22.78 -13.10 -8.00
N ASP A 319 -21.72 -13.52 -8.68
CA ASP A 319 -20.44 -13.67 -7.98
C ASP A 319 -19.76 -12.36 -7.65
N ASN A 320 -20.10 -11.29 -8.36
CA ASN A 320 -19.43 -10.00 -8.11
C ASN A 320 -20.36 -8.78 -8.09
N SER A 321 -21.66 -9.04 -8.00
CA SER A 321 -22.67 -7.99 -7.93
C SER A 321 -22.50 -7.09 -6.70
N LYS A 323 -19.09 -5.42 -6.09
CA LYS A 323 -19.79 -4.52 -6.99
C LYS A 323 -18.90 -3.40 -7.54
N ARG A 324 -18.46 -2.50 -6.66
CA ARG A 324 -17.87 -1.22 -7.07
C ARG A 324 -16.34 -1.18 -7.10
N PHE A 325 -15.80 -0.83 -8.27
CA PHE A 325 -14.37 -0.52 -8.42
C PHE A 325 -14.18 0.93 -8.86
N GLY A 326 -13.08 1.54 -8.40
CA GLY A 326 -12.82 2.97 -8.64
C GLY A 326 -12.53 3.38 -10.08
N SER A 327 -13.18 4.47 -10.50
CA SER A 327 -12.91 5.04 -11.82
C SER A 327 -11.60 5.80 -11.83
N PRO A 328 -10.73 5.53 -12.82
CA PRO A 328 -9.46 6.26 -12.94
C PRO A 328 -9.58 7.60 -13.68
N GLU A 329 -10.79 8.03 -14.04
CA GLU A 329 -10.94 9.19 -14.92
C GLU A 329 -10.50 10.54 -14.32
N LYS A 330 -10.78 10.76 -13.03
CA LYS A 330 -10.40 12.04 -12.45
C LYS A 330 -8.87 12.28 -12.48
N ALA A 331 -8.10 11.30 -11.90
CA ALA A 331 -6.63 11.32 -12.06
C ALA A 331 -6.15 11.45 -13.52
N ARG A 332 -6.83 10.81 -14.49
CA ARG A 332 -6.35 10.95 -15.85
C ARG A 332 -6.46 12.42 -16.27
N ARG A 333 -7.64 13.03 -15.97
CA ARG A 333 -8.02 14.34 -16.51
C ARG A 333 -7.25 15.46 -15.79
N GLU A 334 -7.20 15.38 -14.47
CA GLU A 334 -6.61 16.42 -13.66
C GLU A 334 -5.11 16.28 -13.46
N LEU A 335 -4.61 15.05 -13.45
CA LEU A 335 -3.23 14.81 -13.11
C LEU A 335 -2.42 14.28 -14.28
N GLY A 336 -3.11 13.94 -15.37
CA GLY A 336 -2.47 13.27 -16.50
C GLY A 336 -1.93 11.90 -16.14
N PHE A 337 -2.48 11.29 -15.09
CA PHE A 337 -2.01 9.99 -14.64
C PHE A 337 -2.89 8.84 -15.16
N SER A 338 -2.27 7.80 -15.74
CA SER A 338 -2.95 6.51 -16.03
C SER A 338 -2.04 5.34 -15.62
N ALA A 339 -2.64 4.31 -15.03
CA ALA A 339 -1.90 3.11 -14.62
C ALA A 339 -1.96 2.10 -15.77
N ASP A 340 -0.93 2.11 -16.61
CA ASP A 340 -0.89 1.38 -17.89
C ASP A 340 -0.13 0.03 -17.88
N VAL A 341 0.44 -0.37 -16.75
CA VAL A 341 1.13 -1.68 -16.67
C VAL A 341 0.09 -2.80 -16.62
N SER A 342 0.13 -3.67 -17.64
CA SER A 342 -0.84 -4.75 -17.75
C SER A 342 -0.58 -5.81 -16.71
N ILE A 343 -1.60 -6.60 -16.40
CA ILE A 343 -1.48 -7.70 -15.45
C ILE A 343 -0.39 -8.69 -15.91
N ASP A 344 -0.27 -8.92 -17.21
CA ASP A 344 0.79 -9.78 -17.73
C ASP A 344 2.20 -9.22 -17.50
N ASP A 345 2.43 -7.96 -17.86
CA ASP A 345 3.74 -7.36 -17.65
C ASP A 345 4.10 -7.22 -16.17
N GLY A 346 3.13 -6.81 -15.35
CA GLY A 346 3.37 -6.58 -13.92
C GLY A 346 3.69 -7.89 -13.21
N LEU A 347 2.98 -8.93 -13.59
CA LEU A 347 3.23 -10.27 -13.03
C LEU A 347 4.63 -10.82 -13.38
N ARG A 348 5.06 -10.68 -14.63
CA ARG A 348 6.43 -11.05 -15.00
C ARG A 348 7.48 -10.33 -14.16
N LYS A 349 7.33 -9.02 -14.01
CA LYS A 349 8.24 -8.23 -13.19
C LYS A 349 8.26 -8.70 -11.74
N THR A 350 7.07 -8.96 -11.19
CA THR A 350 6.93 -9.44 -9.82
C THR A 350 7.54 -10.81 -9.58
N ILE A 351 7.27 -11.74 -10.50
CA ILE A 351 7.81 -13.09 -10.45
C ILE A 351 9.35 -13.04 -10.60
N GLU A 352 9.84 -12.21 -11.53
CA GLU A 352 11.30 -12.09 -11.69
C GLU A 352 11.93 -11.68 -10.37
N TRP A 353 11.36 -10.66 -9.72
CA TRP A 353 11.90 -10.19 -8.44
C TRP A 353 11.81 -11.26 -7.35
N THR A 354 10.68 -11.96 -7.31
CA THR A 354 10.47 -12.99 -6.28
C THR A 354 11.49 -14.14 -6.43
N LYS A 355 11.70 -14.58 -7.66
CA LYS A 355 12.72 -15.60 -7.95
C LYS A 355 14.10 -15.18 -7.47
N ALA A 356 14.50 -13.95 -7.82
CA ALA A 356 15.82 -13.45 -7.47
C ALA A 356 16.02 -13.35 -5.96
N ASN A 357 14.91 -13.18 -5.24
CA ASN A 357 14.95 -12.98 -3.78
C ASN A 357 14.32 -14.10 -2.93
N LEU A 358 14.10 -15.26 -3.52
CA LEU A 358 13.32 -16.31 -2.87
C LEU A 358 13.96 -16.78 -1.54
N ALA A 359 15.27 -16.99 -1.52
CA ALA A 359 15.94 -17.43 -0.29
C ALA A 359 15.73 -16.45 0.88
N VAL A 360 15.85 -15.15 0.56
CA VAL A 360 15.71 -14.09 1.54
C VAL A 360 14.26 -14.09 2.03
N ILE A 361 13.33 -14.26 1.09
CA ILE A 361 11.91 -14.26 1.46
C ILE A 361 11.58 -15.46 2.33
N GLU A 362 12.13 -16.63 1.98
CA GLU A 362 11.92 -17.83 2.77
C GLU A 362 12.39 -17.69 4.21
N GLN A 363 13.54 -17.05 4.40
CA GLN A 363 14.11 -16.83 5.73
C GLN A 363 13.22 -15.88 6.57
N ILE A 364 12.66 -14.87 5.89
CA ILE A 364 11.75 -13.94 6.55
C ILE A 364 10.47 -14.65 7.00
N MET A 365 9.86 -15.42 6.09
CA MET A 365 8.66 -16.23 6.38
C MET A 365 8.85 -17.18 7.54
N ARG A 366 10.03 -17.79 7.61
CA ARG A 366 10.30 -18.82 8.63
C ARG A 366 10.34 -18.27 10.06
N LYS A 367 10.46 -16.95 10.20
CA LYS A 367 10.53 -16.41 11.54
C LYS A 367 9.18 -16.64 12.26
N HIS A 368 8.12 -16.84 11.47
CA HIS A 368 6.77 -17.04 11.98
C HIS A 368 6.32 -18.51 12.07
N ASP A 369 7.23 -19.46 11.84
CA ASP A 369 6.85 -20.88 11.86
C ASP A 369 6.11 -21.29 13.14
N SER A 370 6.67 -20.93 14.29
CA SER A 370 6.11 -21.26 15.60
C SER A 370 4.73 -20.63 15.84
N ALA A 371 4.59 -19.36 15.50
CA ALA A 371 3.33 -18.62 15.63
C ALA A 371 2.29 -19.28 14.73
N LEU A 372 2.68 -19.57 13.49
CA LEU A 372 1.82 -20.28 12.52
C LEU A 372 1.33 -21.63 13.03
N ALA A 373 2.20 -22.35 13.75
CA ALA A 373 1.88 -23.67 14.29
C ALA A 373 0.88 -23.58 15.44
N THR A 374 1.07 -22.58 16.31
CA THR A 374 0.20 -22.34 17.46
C THR A 374 -1.20 -21.79 17.09
N TYR A 375 -1.29 -21.10 15.95
CA TYR A 375 -2.51 -20.36 15.60
C TYR A 375 -3.81 -21.20 15.61
N GLY A 376 -4.69 -20.90 16.56
CA GLY A 376 -5.99 -21.56 16.67
C GLY A 376 -5.91 -22.91 17.35
#